data_3Q8D
#
_entry.id   3Q8D
#
_cell.length_a   100.199
_cell.length_b   118.569
_cell.length_c   145.119
_cell.angle_alpha   90.00
_cell.angle_beta   90.00
_cell.angle_gamma   90.00
#
_symmetry.space_group_name_H-M   'I 2 2 2'
#
loop_
_entity.id
_entity.type
_entity.pdbx_description
1 polymer 'DNA repair protein recO'
2 polymer 'Single-stranded DNA-binding protein'
3 non-polymer D-MALATE
4 non-polymer GLYCEROL
5 non-polymer 3-[(3-CHOLAMIDOPROPYL)DIMETHYLAMMONIO]-1-PROPANESULFONATE
6 water water
#
loop_
_entity_poly.entity_id
_entity_poly.type
_entity_poly.pdbx_seq_one_letter_code
_entity_poly.pdbx_strand_id
1 'polypeptide(L)'
;MEGWQRAFVLHSRPWSETSLMLDVFTEESGRVRLVAKGARSKRSTLKGALQPFTPLLLRFGGRGEVKTLRSAEAVSLALP
LSGITLYSGLYINELLSRVLEYETRFSELFFDYLHCIQSLAGVTGTPEPALRRFELALLGHLGYGVNFTHCAGSGEPVDD
TMTYRYREEKGFIASVVIDNKTFTGRQLKALNAREFPDADTLRAAKRFTRMALKPYLGGKPLKSRELFRQFMPKRTVKTH
YE
;
A,B
2 'polypeptide(L)' YMDFDDDIPF E,F
#
# COMPACT_ATOMS: atom_id res chain seq x y z
N GLU A 2 -29.15 17.46 18.91
CA GLU A 2 -28.45 18.76 18.69
C GLU A 2 -28.97 19.44 17.41
N GLY A 3 -28.48 20.64 17.10
CA GLY A 3 -27.23 21.21 17.64
C GLY A 3 -26.01 20.85 16.82
N TRP A 4 -25.17 21.82 16.49
CA TRP A 4 -23.94 21.51 15.79
C TRP A 4 -22.97 20.84 16.74
N GLN A 5 -22.30 19.81 16.27
CA GLN A 5 -21.37 19.08 17.13
C GLN A 5 -20.30 18.40 16.32
N ARG A 6 -19.14 18.20 16.95
CA ARG A 6 -18.01 17.56 16.27
C ARG A 6 -18.20 16.07 16.13
N ALA A 7 -17.55 15.48 15.13
CA ALA A 7 -17.78 14.08 14.84
C ALA A 7 -16.67 13.57 13.95
N PHE A 8 -16.51 12.25 13.97
CA PHE A 8 -15.71 11.55 12.98
C PHE A 8 -16.51 10.36 12.46
N VAL A 9 -16.33 10.05 11.19
CA VAL A 9 -16.95 8.87 10.59
C VAL A 9 -16.11 7.65 10.90
N LEU A 10 -16.72 6.65 11.53
CA LEU A 10 -16.08 5.34 11.68
C LEU A 10 -16.15 4.49 10.42
N HIS A 11 -17.32 4.41 9.80
CA HIS A 11 -17.49 3.66 8.55
C HIS A 11 -18.47 4.36 7.63
N SER A 12 -18.36 4.08 6.36
CA SER A 12 -19.23 4.64 5.35
C SER A 12 -19.52 3.56 4.32
N ARG A 13 -20.80 3.38 4.00
CA ARG A 13 -21.18 2.41 2.97
C ARG A 13 -22.35 2.94 2.17
N PRO A 14 -22.49 2.45 0.94
CA PRO A 14 -23.69 2.64 0.14
C PRO A 14 -24.94 2.17 0.87
N TRP A 15 -25.92 3.06 0.96
CA TRP A 15 -27.21 2.74 1.56
C TRP A 15 -28.30 2.68 0.48
N SER A 16 -28.11 3.42 -0.60
CA SER A 16 -29.09 3.43 -1.68
C SER A 16 -28.39 3.94 -2.92
N GLU A 17 -29.15 4.14 -3.99
CA GLU A 17 -28.54 4.54 -5.24
C GLU A 17 -27.80 5.86 -5.03
N THR A 18 -28.33 6.70 -4.14
CA THR A 18 -27.84 8.06 -4.01
C THR A 18 -27.26 8.35 -2.62
N SER A 19 -27.52 7.47 -1.66
CA SER A 19 -27.26 7.80 -0.26
C SER A 19 -26.18 6.92 0.37
N LEU A 20 -25.67 7.36 1.51
CA LEU A 20 -24.66 6.60 2.23
C LEU A 20 -25.21 6.30 3.61
N MET A 21 -24.81 5.17 4.17
CA MET A 21 -25.05 4.89 5.56
C MET A 21 -23.74 5.09 6.36
N LEU A 22 -23.78 5.99 7.35
CA LEU A 22 -22.58 6.32 8.11
C LEU A 22 -22.73 5.79 9.52
N ASP A 23 -21.62 5.31 10.06
CA ASP A 23 -21.51 4.99 11.49
C ASP A 23 -20.54 6.01 12.10
N VAL A 24 -21.04 6.87 12.97
CA VAL A 24 -20.35 8.12 13.26
C VAL A 24 -20.06 8.18 14.75
N PHE A 25 -18.87 8.66 15.10
CA PHE A 25 -18.58 8.99 16.49
C PHE A 25 -18.71 10.49 16.71
N THR A 26 -19.72 10.90 17.46
CA THR A 26 -20.00 12.31 17.70
C THR A 26 -19.68 12.69 19.15
N GLU A 27 -19.33 13.95 19.36
CA GLU A 27 -18.73 14.34 20.63
C GLU A 27 -19.81 14.43 21.70
N GLU A 28 -21.01 14.85 21.32
CA GLU A 28 -22.08 15.06 22.30
C GLU A 28 -23.18 13.99 22.33
N SER A 29 -23.32 13.22 21.27
CA SER A 29 -24.39 12.23 21.18
C SER A 29 -23.86 10.81 21.27
N GLY A 30 -22.55 10.65 21.18
CA GLY A 30 -21.94 9.32 21.19
C GLY A 30 -21.98 8.76 19.80
N ARG A 31 -21.97 7.42 19.69
CA ARG A 31 -22.02 6.74 18.42
C ARG A 31 -23.45 6.73 17.88
N VAL A 32 -23.61 7.17 16.64
CA VAL A 32 -24.92 7.16 15.99
C VAL A 32 -24.79 6.63 14.57
N ARG A 33 -25.89 6.13 14.04
CA ARG A 33 -25.96 5.76 12.63
C ARG A 33 -26.69 6.86 11.88
N LEU A 34 -26.14 7.26 10.74
CA LEU A 34 -26.65 8.44 10.05
C LEU A 34 -26.79 8.08 8.59
N VAL A 35 -27.91 8.47 8.00
CA VAL A 35 -28.05 8.43 6.56
C VAL A 35 -27.67 9.77 5.97
N ALA A 36 -26.78 9.76 4.99
CA ALA A 36 -26.44 10.96 4.27
C ALA A 36 -27.09 10.93 2.89
N LYS A 37 -28.22 11.62 2.74
CA LYS A 37 -28.96 11.67 1.47
C LYS A 37 -28.20 12.43 0.40
N GLY A 38 -28.01 11.80 -0.74
CA GLY A 38 -27.48 12.50 -1.89
C GLY A 38 -25.98 12.36 -1.97
N ALA A 39 -25.38 11.82 -0.92
CA ALA A 39 -23.93 11.89 -0.76
C ALA A 39 -23.16 10.97 -1.70
N ARG A 40 -23.87 10.18 -2.50
CA ARG A 40 -23.21 9.36 -3.51
C ARG A 40 -23.14 10.07 -4.86
N SER A 41 -23.93 11.12 -5.02
CA SER A 41 -24.13 11.74 -6.33
C SER A 41 -22.92 12.58 -6.73
N LYS A 42 -22.51 12.46 -8.00
CA LYS A 42 -21.42 13.26 -8.54
C LYS A 42 -21.42 14.70 -7.98
N ARG A 43 -22.60 15.25 -7.72
CA ARG A 43 -22.76 16.69 -7.56
C ARG A 43 -22.91 17.14 -6.10
N SER A 44 -22.63 16.24 -5.17
CA SER A 44 -22.61 16.58 -3.75
C SER A 44 -21.18 16.78 -3.26
N THR A 45 -21.01 17.71 -2.33
CA THR A 45 -19.75 17.89 -1.61
C THR A 45 -19.62 16.93 -0.43
N LEU A 46 -20.74 16.50 0.11
CA LEU A 46 -20.76 15.48 1.15
C LEU A 46 -19.72 14.41 0.91
N LYS A 47 -19.66 13.89 -0.32
CA LYS A 47 -18.91 12.68 -0.59
C LYS A 47 -17.45 12.79 -0.12
N GLY A 48 -16.79 13.86 -0.55
CA GLY A 48 -15.37 14.02 -0.25
C GLY A 48 -15.12 14.15 1.23
N ALA A 49 -16.14 14.62 1.95
CA ALA A 49 -15.97 14.98 3.36
C ALA A 49 -16.27 13.81 4.28
N LEU A 50 -17.12 12.89 3.85
CA LEU A 50 -17.67 11.92 4.77
C LEU A 50 -16.80 10.67 4.82
N GLN A 51 -15.52 10.89 5.06
CA GLN A 51 -14.53 9.84 5.17
C GLN A 51 -13.95 9.76 6.58
N PRO A 52 -13.46 8.57 6.95
CA PRO A 52 -12.78 8.42 8.23
C PRO A 52 -11.61 9.40 8.31
N PHE A 53 -11.32 9.90 9.51
CA PHE A 53 -10.12 10.69 9.80
C PHE A 53 -10.26 12.13 9.30
N THR A 54 -11.48 12.50 8.95
CA THR A 54 -11.78 13.87 8.57
C THR A 54 -12.57 14.52 9.69
N PRO A 55 -12.00 15.54 10.34
CA PRO A 55 -12.72 16.22 11.41
C PRO A 55 -13.96 16.89 10.83
N LEU A 56 -15.11 16.70 11.48
CA LEU A 56 -16.39 17.18 10.93
C LEU A 56 -17.12 17.95 12.00
N LEU A 57 -17.98 18.88 11.57
CA LEU A 57 -19.02 19.43 12.44
C LEU A 57 -20.33 19.10 11.79
N LEU A 58 -21.27 18.60 12.58
CA LEU A 58 -22.41 17.82 12.06
C LEU A 58 -23.66 18.31 12.74
N ARG A 59 -24.76 18.34 11.98
CA ARG A 59 -26.09 18.47 12.55
C ARG A 59 -26.90 17.31 11.97
N PHE A 60 -27.76 16.71 12.78
CA PHE A 60 -28.57 15.62 12.28
C PHE A 60 -29.82 15.52 13.13
N GLY A 61 -30.86 14.89 12.60
CA GLY A 61 -32.10 14.72 13.35
C GLY A 61 -32.75 13.35 13.23
N GLY A 62 -33.70 13.08 14.13
CA GLY A 62 -34.66 11.98 14.01
C GLY A 62 -34.78 11.25 15.34
N ARG A 63 -35.86 10.52 15.54
CA ARG A 63 -36.04 9.78 16.80
C ARG A 63 -35.40 8.39 16.80
N GLY A 64 -35.45 7.72 15.66
CA GLY A 64 -35.06 6.31 15.59
C GLY A 64 -33.60 6.09 15.92
N GLU A 65 -33.20 4.82 15.96
CA GLU A 65 -31.78 4.47 15.98
C GLU A 65 -31.04 5.06 14.79
N VAL A 66 -31.69 5.12 13.63
CA VAL A 66 -31.03 5.67 12.45
C VAL A 66 -31.47 7.09 12.17
N LYS A 67 -30.54 8.03 12.27
CA LYS A 67 -30.87 9.44 12.19
C LYS A 67 -30.57 9.95 10.80
N THR A 68 -31.03 11.16 10.49
CA THR A 68 -30.82 11.68 9.16
C THR A 68 -29.95 12.93 9.18
N LEU A 69 -28.86 12.90 8.42
CA LEU A 69 -27.89 14.00 8.46
C LEU A 69 -28.53 15.26 7.89
N ARG A 70 -28.37 16.39 8.58
CA ARG A 70 -28.90 17.66 8.10
C ARG A 70 -27.85 18.46 7.36
N SER A 71 -26.65 18.54 7.94
CA SER A 71 -25.51 19.11 7.23
C SER A 71 -24.21 18.75 7.90
N ALA A 72 -23.13 18.85 7.13
CA ALA A 72 -21.83 18.52 7.66
C ALA A 72 -20.83 19.52 7.09
N GLU A 73 -19.88 19.90 7.92
CA GLU A 73 -18.88 20.88 7.54
C GLU A 73 -17.53 20.26 7.84
N ALA A 74 -16.58 20.44 6.93
CA ALA A 74 -15.20 20.05 7.20
C ALA A 74 -14.28 21.24 6.93
N VAL A 75 -13.03 21.12 7.36
CA VAL A 75 -11.99 22.03 6.94
C VAL A 75 -10.91 21.32 6.11
N SER A 76 -9.97 20.67 6.77
CA SER A 76 -9.10 19.68 6.12
C SER A 76 -9.98 18.57 5.55
N LEU A 77 -9.91 18.37 4.23
CA LEU A 77 -10.47 17.18 3.60
C LEU A 77 -9.57 16.02 3.94
N ALA A 78 -9.12 16.00 5.20
CA ALA A 78 -7.88 15.35 5.60
C ALA A 78 -7.85 13.88 5.17
N LEU A 79 -6.76 13.47 4.52
CA LEU A 79 -6.15 12.20 4.89
C LEU A 79 -4.74 12.37 5.45
N PRO A 80 -4.69 12.60 6.77
CA PRO A 80 -3.49 12.51 7.57
C PRO A 80 -3.33 11.09 8.09
N LEU A 81 -2.48 10.29 7.44
CA LEU A 81 -2.48 8.85 7.71
C LEU A 81 -2.09 8.00 6.49
N SER A 82 -1.01 7.22 6.66
CA SER A 82 -0.37 6.51 5.55
C SER A 82 0.30 5.21 6.04
N GLY A 83 0.17 4.15 5.24
CA GLY A 83 0.78 2.87 5.59
C GLY A 83 0.47 2.39 7.00
N ILE A 84 1.53 2.16 7.77
CA ILE A 84 1.37 1.61 9.12
C ILE A 84 0.41 2.47 9.92
N THR A 85 0.43 3.77 9.68
CA THR A 85 -0.43 4.65 10.44
C THR A 85 -1.87 4.64 9.92
N LEU A 86 -2.05 4.32 8.63
CA LEU A 86 -3.39 4.10 8.12
C LEU A 86 -4.05 2.89 8.80
N TYR A 87 -3.37 1.75 8.75
CA TYR A 87 -3.90 0.54 9.36
C TYR A 87 -4.09 0.70 10.86
N SER A 88 -3.33 1.61 11.46
CA SER A 88 -3.52 1.92 12.88
C SER A 88 -4.82 2.67 13.14
N GLY A 89 -5.10 3.68 12.33
CA GLY A 89 -6.36 4.39 12.47
C GLY A 89 -7.53 3.45 12.19
N LEU A 90 -7.41 2.63 11.16
CA LEU A 90 -8.48 1.68 10.83
C LEU A 90 -8.75 0.80 12.02
N TYR A 91 -7.66 0.34 12.64
CA TYR A 91 -7.71 -0.41 13.89
C TYR A 91 -8.50 0.29 15.00
N ILE A 92 -8.16 1.55 15.26
CA ILE A 92 -8.84 2.29 16.31
C ILE A 92 -10.34 2.42 16.03
N ASN A 93 -10.69 2.62 14.76
CA ASN A 93 -12.09 2.78 14.39
C ASN A 93 -12.82 1.44 14.50
N GLU A 94 -12.11 0.36 14.21
CA GLU A 94 -12.67 -0.95 14.45
C GLU A 94 -12.94 -1.25 15.92
N LEU A 95 -11.97 -0.94 16.78
CA LEU A 95 -12.14 -1.03 18.23
C LEU A 95 -13.43 -0.33 18.64
N LEU A 96 -13.56 0.92 18.22
CA LEU A 96 -14.69 1.71 18.66
C LEU A 96 -15.98 1.09 18.14
N SER A 97 -15.90 0.49 16.96
CA SER A 97 -17.08 -0.08 16.32
C SER A 97 -17.59 -1.25 17.14
N ARG A 98 -16.67 -2.09 17.60
CA ARG A 98 -17.02 -3.26 18.40
C ARG A 98 -17.52 -2.91 19.79
N VAL A 99 -17.07 -1.77 20.30
CA VAL A 99 -16.94 -1.61 21.74
C VAL A 99 -17.90 -0.54 22.23
N LEU A 100 -18.22 0.41 21.36
CA LEU A 100 -19.01 1.57 21.77
C LEU A 100 -20.49 1.24 21.62
N GLU A 101 -21.25 1.44 22.68
CA GLU A 101 -22.70 1.30 22.58
C GLU A 101 -23.30 2.55 21.94
N TYR A 102 -24.38 2.38 21.20
CA TYR A 102 -25.01 3.47 20.48
C TYR A 102 -25.60 4.52 21.40
N GLU A 103 -25.43 5.77 21.02
CA GLU A 103 -26.11 6.89 21.68
C GLU A 103 -25.87 6.96 23.18
N THR A 104 -24.67 6.61 23.62
CA THR A 104 -24.19 7.03 24.93
C THR A 104 -23.06 8.04 24.76
N ARG A 105 -23.27 9.25 25.27
CA ARG A 105 -22.23 10.27 25.30
C ARG A 105 -20.94 9.73 25.90
N PHE A 106 -19.85 9.84 25.14
CA PHE A 106 -18.51 9.55 25.66
C PHE A 106 -17.55 10.71 25.39
N SER A 107 -17.80 11.86 25.98
CA SER A 107 -17.19 13.09 25.48
C SER A 107 -15.70 13.18 25.80
N GLU A 108 -15.31 12.59 26.93
CA GLU A 108 -13.90 12.44 27.27
C GLU A 108 -13.20 11.54 26.26
N LEU A 109 -13.82 10.40 25.97
CA LEU A 109 -13.30 9.50 24.96
C LEU A 109 -13.13 10.20 23.61
N PHE A 110 -14.02 11.13 23.30
CA PHE A 110 -13.89 11.89 22.07
C PHE A 110 -12.60 12.71 22.05
N PHE A 111 -12.33 13.41 23.15
CA PHE A 111 -11.02 14.05 23.36
C PHE A 111 -9.85 13.08 23.19
N ASP A 112 -9.95 11.89 23.79
CA ASP A 112 -8.87 10.90 23.64
C ASP A 112 -8.68 10.50 22.19
N TYR A 113 -9.79 10.40 21.47
CA TYR A 113 -9.73 10.02 20.05
C TYR A 113 -9.10 11.15 19.23
N LEU A 114 -9.48 12.39 19.53
CA LEU A 114 -8.76 13.53 18.93
C LEU A 114 -7.25 13.46 19.12
N HIS A 115 -6.83 13.22 20.37
CA HIS A 115 -5.39 13.24 20.66
C HIS A 115 -4.74 12.11 19.92
N CYS A 116 -5.40 10.95 19.90
CA CYS A 116 -4.83 9.81 19.20
C CYS A 116 -4.68 10.09 17.70
N ILE A 117 -5.65 10.81 17.13
CA ILE A 117 -5.61 11.17 15.72
C ILE A 117 -4.55 12.23 15.44
N GLN A 118 -4.48 13.25 16.29
CA GLN A 118 -3.39 14.22 16.16
C GLN A 118 -2.03 13.53 16.22
N SER A 119 -1.89 12.51 17.07
CA SER A 119 -0.64 11.74 17.13
C SER A 119 -0.36 11.01 15.84
N LEU A 120 -1.33 10.24 15.37
CA LEU A 120 -1.12 9.38 14.22
C LEU A 120 -0.79 10.23 13.00
N ALA A 121 -1.25 11.48 13.01
CA ALA A 121 -1.01 12.41 11.91
C ALA A 121 0.43 12.94 11.90
N GLY A 122 1.00 13.17 13.09
CA GLY A 122 2.24 13.90 13.21
C GLY A 122 3.46 13.04 13.48
N VAL A 123 3.34 11.74 13.19
CA VAL A 123 4.40 10.78 13.46
C VAL A 123 4.83 10.07 12.18
N THR A 124 6.13 9.75 12.09
CA THR A 124 6.56 8.50 11.44
C THR A 124 7.31 7.63 12.44
N GLY A 125 6.91 6.37 12.53
CA GLY A 125 7.40 5.46 13.57
C GLY A 125 7.52 6.13 14.93
N THR A 126 6.98 5.49 15.96
CA THR A 126 6.01 4.42 15.78
C THR A 126 4.63 4.86 16.26
N PRO A 127 3.56 4.31 15.66
CA PRO A 127 2.20 4.55 16.14
C PRO A 127 1.90 3.96 17.53
N GLU A 128 2.75 3.06 18.01
CA GLU A 128 2.36 2.22 19.14
C GLU A 128 2.08 2.94 20.45
N PRO A 129 2.91 3.93 20.81
CA PRO A 129 2.64 4.68 22.03
C PRO A 129 1.28 5.37 21.97
N ALA A 130 0.98 5.99 20.83
CA ALA A 130 -0.33 6.59 20.56
C ALA A 130 -1.43 5.56 20.76
N LEU A 131 -1.22 4.39 20.18
CA LEU A 131 -2.22 3.32 20.18
C LEU A 131 -2.48 2.79 21.59
N ARG A 132 -1.38 2.43 22.26
CA ARG A 132 -1.45 1.94 23.63
C ARG A 132 -2.11 2.94 24.57
N ARG A 133 -1.78 4.21 24.38
CA ARG A 133 -2.40 5.27 25.18
C ARG A 133 -3.91 5.38 24.95
N PHE A 134 -4.37 5.19 23.71
CA PHE A 134 -5.80 5.24 23.43
C PHE A 134 -6.54 4.01 23.95
N GLU A 135 -5.95 2.83 23.78
CA GLU A 135 -6.51 1.59 24.32
C GLU A 135 -6.80 1.72 25.81
N LEU A 136 -5.84 2.29 26.55
CA LEU A 136 -5.96 2.39 27.99
C LEU A 136 -7.00 3.43 28.38
N ALA A 137 -7.03 4.54 27.64
CA ALA A 137 -8.07 5.52 27.88
C ALA A 137 -9.43 4.88 27.60
N LEU A 138 -9.50 4.10 26.52
CA LEU A 138 -10.73 3.42 26.15
C LEU A 138 -11.16 2.42 27.21
N LEU A 139 -10.22 1.63 27.72
CA LEU A 139 -10.55 0.66 28.78
C LEU A 139 -11.09 1.37 30.00
N GLY A 140 -10.37 2.40 30.42
CA GLY A 140 -10.89 3.35 31.40
C GLY A 140 -12.34 3.67 31.17
N HIS A 141 -12.65 4.20 29.99
CA HIS A 141 -13.97 4.71 29.71
C HIS A 141 -15.04 3.64 29.63
N LEU A 142 -14.63 2.41 29.33
CA LEU A 142 -15.54 1.25 29.36
C LEU A 142 -15.77 0.76 30.79
N GLY A 143 -14.89 1.18 31.70
CA GLY A 143 -15.06 0.85 33.11
C GLY A 143 -14.43 -0.45 33.61
N TYR A 144 -13.27 -0.82 33.09
CA TYR A 144 -12.63 -2.06 33.57
C TYR A 144 -11.91 -1.96 34.92
N GLY A 145 -11.58 -0.74 35.33
CA GLY A 145 -11.17 -0.49 36.71
C GLY A 145 -10.01 -1.28 37.27
N VAL A 146 -9.04 -1.62 36.43
CA VAL A 146 -7.82 -2.28 36.91
C VAL A 146 -6.93 -1.32 37.73
N ASN A 147 -6.50 -1.75 38.91
CA ASN A 147 -5.49 -1.01 39.64
C ASN A 147 -4.07 -1.43 39.27
N PHE A 148 -3.26 -0.48 38.81
CA PHE A 148 -1.92 -0.81 38.29
C PHE A 148 -0.83 -0.71 39.36
N THR A 149 -1.16 -0.14 40.51
CA THR A 149 -0.14 0.45 41.37
C THR A 149 -0.07 -0.24 42.74
N HIS A 150 -1.08 -1.06 43.02
CA HIS A 150 -1.12 -1.81 44.27
C HIS A 150 -1.52 -3.26 44.00
N CYS A 151 -0.86 -4.18 44.70
CA CYS A 151 -1.05 -5.60 44.50
C CYS A 151 -2.46 -5.96 45.00
N ALA A 152 -3.20 -6.70 44.19
CA ALA A 152 -4.60 -6.99 44.49
C ALA A 152 -4.73 -8.03 45.61
N GLY A 153 -5.73 -7.85 46.46
CA GLY A 153 -5.79 -8.58 47.73
C GLY A 153 -4.95 -7.92 48.80
N SER A 154 -3.63 -8.15 48.72
CA SER A 154 -2.72 -7.81 49.82
C SER A 154 -2.59 -6.30 50.01
N GLY A 155 -2.92 -5.53 48.98
CA GLY A 155 -2.95 -4.07 49.07
C GLY A 155 -1.58 -3.44 48.95
N GLU A 156 -0.56 -4.28 48.73
CA GLU A 156 0.83 -3.84 48.81
C GLU A 156 1.24 -3.08 47.56
N PRO A 157 1.98 -1.99 47.74
CA PRO A 157 2.48 -1.19 46.62
C PRO A 157 3.32 -2.02 45.66
N VAL A 158 3.20 -1.72 44.38
CA VAL A 158 3.96 -2.39 43.33
C VAL A 158 5.41 -1.87 43.31
N ASP A 159 6.37 -2.80 43.25
CA ASP A 159 7.78 -2.45 43.18
C ASP A 159 8.35 -2.67 41.78
N ASP A 160 9.20 -1.76 41.34
CA ASP A 160 9.68 -1.72 39.96
C ASP A 160 10.17 -3.07 39.50
N THR A 161 10.88 -3.79 40.39
CA THR A 161 11.68 -4.93 39.96
C THR A 161 11.02 -6.23 40.30
N MET A 162 9.86 -6.15 40.94
CA MET A 162 9.11 -7.34 41.32
C MET A 162 8.22 -7.78 40.15
N THR A 163 7.83 -9.05 40.13
CA THR A 163 7.02 -9.60 39.04
C THR A 163 5.59 -9.86 39.51
N TYR A 164 4.63 -9.70 38.60
CA TYR A 164 3.21 -9.78 38.92
C TYR A 164 2.39 -10.50 37.85
N ARG A 165 1.33 -11.19 38.27
CA ARG A 165 0.46 -11.88 37.33
C ARG A 165 -0.90 -11.20 37.20
N TYR A 166 -1.33 -10.96 35.96
CA TYR A 166 -2.67 -10.44 35.73
C TYR A 166 -3.73 -11.54 35.86
N ARG A 167 -4.72 -11.30 36.71
CA ARG A 167 -5.95 -12.10 36.71
C ARG A 167 -7.13 -11.25 36.25
N GLU A 168 -7.60 -11.47 35.03
CA GLU A 168 -8.86 -10.91 34.55
C GLU A 168 -9.88 -10.81 35.67
N GLU A 169 -10.35 -9.60 35.95
CA GLU A 169 -11.41 -9.42 36.93
C GLU A 169 -10.88 -9.50 38.36
N LYS A 170 -9.57 -9.63 38.48
CA LYS A 170 -8.94 -9.94 39.76
C LYS A 170 -7.90 -8.88 40.16
N GLY A 171 -7.27 -8.27 39.17
CA GLY A 171 -6.15 -7.36 39.40
C GLY A 171 -4.80 -8.00 39.16
N PHE A 172 -3.76 -7.43 39.77
CA PHE A 172 -2.40 -7.97 39.69
C PHE A 172 -1.95 -8.52 41.03
N ILE A 173 -1.33 -9.70 41.02
CA ILE A 173 -0.71 -10.19 42.25
C ILE A 173 0.77 -10.51 42.08
N ALA A 174 1.56 -10.21 43.11
CA ALA A 174 2.97 -10.57 43.08
C ALA A 174 3.11 -12.06 42.83
N SER A 175 3.92 -12.42 41.86
CA SER A 175 4.10 -13.81 41.50
C SER A 175 5.46 -14.03 40.83
N VAL A 176 6.02 -15.22 41.02
CA VAL A 176 7.26 -15.61 40.38
C VAL A 176 6.99 -16.62 39.27
N VAL A 177 5.71 -16.86 38.97
CA VAL A 177 5.34 -17.55 37.74
C VAL A 177 5.55 -16.65 36.52
N ILE A 178 6.47 -17.03 35.65
CA ILE A 178 6.77 -16.23 34.48
C ILE A 178 6.07 -16.82 33.26
N ASP A 179 5.03 -16.13 32.79
CA ASP A 179 4.39 -16.49 31.53
C ASP A 179 3.68 -15.28 30.91
N ASN A 180 2.80 -15.55 29.96
CA ASN A 180 2.24 -14.48 29.14
C ASN A 180 1.30 -13.55 29.91
N LYS A 181 1.06 -13.85 31.18
CA LYS A 181 0.29 -12.97 32.05
C LYS A 181 1.16 -12.22 33.05
N THR A 182 2.48 -12.31 32.89
CA THR A 182 3.41 -11.83 33.89
C THR A 182 3.86 -10.41 33.55
N PHE A 183 3.82 -9.52 34.52
CA PHE A 183 4.33 -8.19 34.30
C PHE A 183 5.33 -7.78 35.37
N THR A 184 6.09 -6.76 35.02
CA THR A 184 7.11 -6.22 35.88
C THR A 184 6.52 -4.96 36.51
N GLY A 185 6.79 -4.76 37.79
CA GLY A 185 6.37 -3.54 38.47
C GLY A 185 6.66 -2.30 37.66
N ARG A 186 7.79 -2.28 36.95
CA ARG A 186 8.09 -1.17 36.06
C ARG A 186 7.08 -1.06 34.91
N GLN A 187 6.64 -2.21 34.40
CA GLN A 187 5.67 -2.24 33.31
C GLN A 187 4.28 -1.77 33.75
N LEU A 188 3.90 -2.16 34.96
CA LEU A 188 2.67 -1.70 35.56
C LEU A 188 2.66 -0.18 35.76
N LYS A 189 3.81 0.39 36.11
CA LYS A 189 3.91 1.83 36.31
C LYS A 189 3.78 2.56 34.99
N ALA A 190 4.44 2.03 33.97
CA ALA A 190 4.27 2.52 32.62
C ALA A 190 2.80 2.53 32.22
N LEU A 191 2.08 1.44 32.54
CA LEU A 191 0.68 1.33 32.16
C LEU A 191 -0.14 2.37 32.87
N ASN A 192 0.17 2.59 34.14
CA ASN A 192 -0.61 3.52 34.93
C ASN A 192 -0.38 4.95 34.44
N ALA A 193 0.81 5.19 33.89
CA ALA A 193 1.16 6.52 33.43
C ALA A 193 0.86 6.70 31.93
N ARG A 194 0.74 5.58 31.23
CA ARG A 194 0.50 5.64 29.80
C ARG A 194 1.65 6.35 29.13
N GLU A 195 2.83 6.25 29.76
CA GLU A 195 4.09 6.62 29.14
C GLU A 195 4.93 5.38 28.95
N PHE A 196 5.53 5.24 27.78
CA PHE A 196 6.37 4.08 27.50
C PHE A 196 7.71 4.47 26.91
N PRO A 197 8.68 4.76 27.79
CA PRO A 197 9.90 5.44 27.39
C PRO A 197 10.88 4.50 26.71
N ASP A 198 10.57 3.21 26.68
CA ASP A 198 11.46 2.22 26.10
C ASP A 198 10.69 1.05 25.50
N ALA A 199 11.39 0.23 24.72
CA ALA A 199 10.76 -0.84 23.96
C ALA A 199 10.17 -1.88 24.90
N ASP A 200 10.79 -2.06 26.05
CA ASP A 200 10.39 -3.11 26.97
C ASP A 200 8.99 -2.83 27.52
N THR A 201 8.76 -1.60 27.97
CA THR A 201 7.44 -1.17 28.42
C THR A 201 6.40 -1.09 27.30
N LEU A 202 6.81 -0.69 26.10
CA LEU A 202 5.92 -0.71 24.93
C LEU A 202 5.43 -2.12 24.65
N ARG A 203 6.37 -3.03 24.45
CA ARG A 203 6.09 -4.45 24.32
C ARG A 203 5.06 -4.93 25.33
N ALA A 204 5.27 -4.63 26.60
CA ALA A 204 4.43 -5.23 27.64
C ALA A 204 3.06 -4.54 27.66
N ALA A 205 3.06 -3.24 27.35
CA ALA A 205 1.80 -2.52 27.12
C ALA A 205 0.91 -3.22 26.08
N LYS A 206 1.48 -3.56 24.94
CA LYS A 206 0.73 -4.22 23.88
C LYS A 206 0.12 -5.53 24.39
N ARG A 207 0.97 -6.32 25.03
CA ARG A 207 0.58 -7.62 25.55
C ARG A 207 -0.60 -7.47 26.50
N PHE A 208 -0.52 -6.46 27.36
CA PHE A 208 -1.60 -6.21 28.30
C PHE A 208 -2.90 -5.78 27.63
N THR A 209 -2.85 -4.77 26.76
CA THR A 209 -4.08 -4.17 26.25
C THR A 209 -4.87 -5.18 25.41
N ARG A 210 -4.15 -6.01 24.65
CA ARG A 210 -4.75 -7.19 24.04
C ARG A 210 -5.61 -7.95 25.02
N MET A 211 -5.02 -8.44 26.11
CA MET A 211 -5.76 -9.24 27.07
C MET A 211 -6.97 -8.49 27.55
N ALA A 212 -6.77 -7.27 28.02
CA ALA A 212 -7.84 -6.56 28.72
C ALA A 212 -8.99 -6.20 27.76
N LEU A 213 -8.68 -6.05 26.47
CA LEU A 213 -9.67 -5.68 25.48
C LEU A 213 -10.53 -6.88 25.07
N LYS A 214 -9.97 -8.08 25.14
CA LYS A 214 -10.62 -9.28 24.62
C LYS A 214 -12.07 -9.45 25.10
N PRO A 215 -12.29 -9.36 26.42
CA PRO A 215 -13.64 -9.53 26.93
C PRO A 215 -14.64 -8.51 26.37
N TYR A 216 -14.17 -7.59 25.56
CA TYR A 216 -15.04 -6.52 25.09
C TYR A 216 -15.30 -6.69 23.60
N LEU A 217 -14.42 -7.43 22.93
CA LEU A 217 -14.49 -7.62 21.49
C LEU A 217 -15.36 -8.84 21.15
N GLY A 218 -16.18 -9.26 22.10
CA GLY A 218 -16.25 -10.66 22.50
C GLY A 218 -16.32 -11.65 21.36
N GLY A 219 -15.18 -12.23 20.99
CA GLY A 219 -15.18 -13.46 20.20
C GLY A 219 -14.50 -13.27 18.86
N LYS A 220 -15.08 -12.44 18.02
CA LYS A 220 -14.59 -12.28 16.65
C LYS A 220 -13.23 -11.60 16.63
N PRO A 221 -12.34 -12.07 15.75
CA PRO A 221 -11.03 -11.46 15.60
C PRO A 221 -11.16 -10.12 14.90
N LEU A 222 -10.11 -9.32 14.94
CA LEU A 222 -10.13 -7.99 14.35
C LEU A 222 -9.79 -8.06 12.87
N LYS A 223 -10.66 -7.52 12.03
CA LYS A 223 -10.38 -7.39 10.61
C LYS A 223 -9.10 -6.61 10.35
N SER A 224 -8.90 -5.52 11.06
CA SER A 224 -7.84 -4.57 10.73
C SER A 224 -6.47 -5.20 10.96
N ARG A 225 -6.40 -6.16 11.88
CA ARG A 225 -5.21 -6.98 12.04
C ARG A 225 -4.99 -7.87 10.81
N GLU A 226 -6.06 -8.48 10.32
CA GLU A 226 -6.01 -9.28 9.10
C GLU A 226 -5.47 -8.46 7.95
N LEU A 227 -5.69 -7.15 8.02
CA LEU A 227 -5.32 -6.23 6.96
C LEU A 227 -3.82 -5.97 6.96
N PHE A 228 -3.29 -5.55 8.11
CA PHE A 228 -1.86 -5.41 8.31
C PHE A 228 -1.10 -6.65 7.88
N ARG A 229 -1.58 -7.81 8.31
CA ARG A 229 -0.90 -9.07 8.03
C ARG A 229 -0.64 -9.15 6.54
N GLN A 230 -1.71 -8.92 5.77
CA GLN A 230 -1.72 -9.20 4.35
C GLN A 230 -1.02 -8.11 3.52
N PHE A 231 -0.46 -7.11 4.18
CA PHE A 231 0.03 -5.94 3.47
C PHE A 231 1.46 -5.57 3.83
N MET A 232 2.06 -6.33 4.75
CA MET A 232 3.24 -5.86 5.46
C MET A 232 4.24 -6.97 5.69
N GLU B 2 15.76 4.20 -44.69
CA GLU B 2 14.87 5.06 -43.85
C GLU B 2 15.66 5.90 -42.84
N GLY B 3 16.96 6.06 -43.06
CA GLY B 3 17.79 6.93 -42.23
C GLY B 3 18.01 6.39 -40.82
N TRP B 4 18.90 7.04 -40.08
CA TRP B 4 19.25 6.61 -38.72
C TRP B 4 18.01 6.36 -37.87
N GLN B 5 18.01 5.27 -37.12
CA GLN B 5 16.94 5.07 -36.16
C GLN B 5 17.52 4.87 -34.75
N ARG B 6 16.89 5.50 -33.77
CA ARG B 6 17.30 5.37 -32.38
C ARG B 6 16.89 3.99 -31.90
N ALA B 7 17.79 3.30 -31.22
CA ALA B 7 17.48 1.92 -30.83
C ALA B 7 18.17 1.49 -29.54
N PHE B 8 17.59 0.48 -28.91
CA PHE B 8 18.28 -0.33 -27.91
C PHE B 8 18.15 -1.82 -28.28
N VAL B 9 19.23 -2.57 -28.14
CA VAL B 9 19.20 -4.02 -28.27
C VAL B 9 18.45 -4.68 -27.11
N LEU B 10 17.38 -5.40 -27.40
CA LEU B 10 16.68 -6.18 -26.36
C LEU B 10 17.31 -7.54 -26.12
N HIS B 11 17.81 -8.16 -27.18
CA HIS B 11 18.26 -9.54 -27.10
C HIS B 11 19.16 -9.78 -28.28
N SER B 12 20.17 -10.61 -28.11
CA SER B 12 20.99 -10.96 -29.25
C SER B 12 21.63 -12.32 -29.12
N ARG B 13 21.89 -12.93 -30.26
CA ARG B 13 22.52 -14.22 -30.30
C ARG B 13 22.95 -14.56 -31.73
N PRO B 14 23.69 -15.65 -31.90
CA PRO B 14 24.18 -15.93 -33.25
C PRO B 14 23.01 -16.17 -34.21
N TRP B 15 23.10 -15.61 -35.41
CA TRP B 15 22.23 -16.00 -36.52
C TRP B 15 22.77 -17.25 -37.19
N SER B 16 24.08 -17.43 -37.10
CA SER B 16 24.79 -18.47 -37.82
C SER B 16 26.25 -18.43 -37.35
N GLU B 17 27.11 -19.14 -38.06
CA GLU B 17 28.52 -19.22 -37.69
C GLU B 17 29.12 -17.83 -37.71
N THR B 18 28.62 -16.98 -38.60
CA THR B 18 29.34 -15.76 -38.96
C THR B 18 28.56 -14.49 -38.64
N SER B 19 27.25 -14.61 -38.43
CA SER B 19 26.38 -13.44 -38.33
C SER B 19 25.69 -13.33 -36.97
N LEU B 20 25.38 -12.10 -36.58
CA LEU B 20 24.65 -11.89 -35.34
C LEU B 20 23.19 -11.68 -35.68
N MET B 21 22.32 -12.15 -34.79
CA MET B 21 20.94 -11.71 -34.79
C MET B 21 20.69 -10.75 -33.64
N LEU B 22 19.93 -9.70 -33.90
CA LEU B 22 19.57 -8.73 -32.87
C LEU B 22 18.09 -8.50 -32.92
N ASP B 23 17.48 -8.48 -31.75
CA ASP B 23 16.11 -8.06 -31.61
C ASP B 23 16.13 -6.72 -30.91
N VAL B 24 15.79 -5.66 -31.64
CA VAL B 24 15.92 -4.30 -31.11
C VAL B 24 14.56 -3.59 -30.99
N PHE B 25 14.53 -2.57 -30.15
CA PHE B 25 13.38 -1.69 -30.01
C PHE B 25 13.83 -0.32 -30.52
N THR B 26 13.29 0.10 -31.67
CA THR B 26 13.62 1.41 -32.26
C THR B 26 12.54 2.42 -31.95
N GLU B 27 12.90 3.70 -31.97
CA GLU B 27 11.91 4.75 -31.81
C GLU B 27 11.06 4.92 -33.07
N GLU B 28 11.68 4.85 -34.23
CA GLU B 28 11.03 5.21 -35.49
C GLU B 28 10.15 4.09 -36.03
N SER B 29 10.55 2.84 -35.79
CA SER B 29 9.87 1.69 -36.40
C SER B 29 9.28 0.69 -35.40
N GLY B 30 9.37 0.98 -34.11
CA GLY B 30 9.08 -0.04 -33.10
C GLY B 30 10.06 -1.19 -33.11
N ARG B 31 9.59 -2.37 -32.70
CA ARG B 31 10.47 -3.52 -32.51
C ARG B 31 10.74 -4.19 -33.85
N VAL B 32 12.00 -4.54 -34.09
CA VAL B 32 12.42 -5.10 -35.36
C VAL B 32 13.48 -6.16 -35.11
N ARG B 33 13.45 -7.26 -35.85
CA ARG B 33 14.52 -8.25 -35.73
C ARG B 33 15.46 -8.11 -36.91
N LEU B 34 16.75 -8.27 -36.67
CA LEU B 34 17.79 -7.89 -37.62
C LEU B 34 18.86 -8.96 -37.64
N VAL B 35 19.58 -9.02 -38.76
CA VAL B 35 20.83 -9.76 -38.85
C VAL B 35 21.94 -8.77 -39.17
N ALA B 36 23.04 -8.86 -38.42
CA ALA B 36 24.29 -8.23 -38.81
C ALA B 36 25.22 -9.28 -39.43
N LYS B 37 25.33 -9.26 -40.75
CA LYS B 37 26.14 -10.25 -41.45
C LYS B 37 27.62 -10.10 -41.14
N GLY B 38 28.24 -11.21 -40.77
CA GLY B 38 29.68 -11.24 -40.51
C GLY B 38 30.07 -10.56 -39.22
N ALA B 39 29.09 -10.10 -38.44
CA ALA B 39 29.39 -9.40 -37.20
C ALA B 39 30.11 -10.28 -36.18
N ARG B 40 30.10 -11.59 -36.41
CA ARG B 40 30.73 -12.53 -35.48
C ARG B 40 32.23 -12.68 -35.73
N SER B 41 32.66 -12.25 -36.91
CA SER B 41 33.93 -12.69 -37.49
C SER B 41 35.07 -12.78 -36.48
N LYS B 42 35.16 -11.77 -35.61
CA LYS B 42 34.39 -10.55 -35.78
C LYS B 42 35.12 -9.62 -36.74
N ARG B 43 36.43 -9.49 -36.56
CA ARG B 43 37.17 -8.37 -37.13
C ARG B 43 36.28 -7.13 -37.10
N SER B 44 35.49 -7.00 -36.02
CA SER B 44 34.31 -6.13 -35.98
C SER B 44 34.20 -5.48 -34.60
N THR B 45 34.11 -4.16 -34.57
CA THR B 45 33.68 -3.42 -33.37
C THR B 45 32.16 -3.33 -33.33
N LEU B 46 31.53 -3.75 -34.42
CA LEU B 46 30.09 -4.02 -34.43
C LEU B 46 29.68 -4.80 -33.18
N LYS B 47 30.34 -5.93 -32.93
CA LYS B 47 30.01 -6.77 -31.79
C LYS B 47 30.07 -5.98 -30.48
N GLY B 48 31.12 -5.20 -30.31
CA GLY B 48 31.26 -4.40 -29.10
C GLY B 48 30.12 -3.43 -28.92
N ALA B 49 29.55 -2.98 -30.03
CA ALA B 49 28.61 -1.85 -30.00
C ALA B 49 27.19 -2.36 -29.74
N LEU B 50 26.94 -3.60 -30.14
CA LEU B 50 25.59 -4.12 -30.20
C LEU B 50 25.29 -4.87 -28.91
N GLN B 51 25.37 -4.14 -27.80
CA GLN B 51 25.11 -4.65 -26.46
C GLN B 51 23.85 -3.96 -25.95
N PRO B 52 23.20 -4.56 -24.94
CA PRO B 52 22.02 -3.94 -24.37
C PRO B 52 22.37 -2.65 -23.64
N PHE B 53 21.37 -1.86 -23.29
CA PHE B 53 21.57 -0.66 -22.48
C PHE B 53 22.52 0.35 -23.11
N THR B 54 22.81 0.17 -24.39
CA THR B 54 23.70 1.06 -25.13
C THR B 54 22.92 1.85 -26.18
N PRO B 55 22.88 3.18 -26.05
CA PRO B 55 22.07 3.97 -26.98
C PRO B 55 22.63 3.92 -28.39
N LEU B 56 21.81 3.52 -29.35
CA LEU B 56 22.32 3.18 -30.67
C LEU B 56 21.62 3.98 -31.76
N LEU B 57 22.36 4.26 -32.83
CA LEU B 57 21.72 4.69 -34.06
C LEU B 57 21.96 3.63 -35.13
N LEU B 58 20.89 3.16 -35.75
CA LEU B 58 20.98 2.05 -36.67
C LEU B 58 20.44 2.46 -38.03
N ARG B 59 21.01 1.88 -39.07
CA ARG B 59 20.37 1.88 -40.36
C ARG B 59 20.14 0.44 -40.80
N PHE B 60 18.94 0.17 -41.28
CA PHE B 60 18.65 -1.16 -41.77
C PHE B 60 17.53 -1.09 -42.78
N GLY B 61 17.33 -2.18 -43.52
CA GLY B 61 16.05 -2.42 -44.17
C GLY B 61 16.03 -3.76 -44.88
N GLY B 62 15.37 -3.77 -46.04
CA GLY B 62 15.14 -5.01 -46.76
C GLY B 62 13.75 -5.51 -46.51
N ARG B 63 13.45 -6.68 -47.05
CA ARG B 63 12.08 -7.07 -47.33
C ARG B 63 11.63 -8.14 -46.35
N GLY B 64 12.60 -8.93 -45.87
CA GLY B 64 12.32 -10.13 -45.09
C GLY B 64 11.53 -9.90 -43.81
N GLU B 65 11.32 -10.97 -43.06
CA GLU B 65 10.75 -10.85 -41.73
C GLU B 65 11.84 -10.27 -40.83
N VAL B 66 13.08 -10.56 -41.21
CA VAL B 66 14.27 -10.14 -40.49
C VAL B 66 15.04 -9.19 -41.41
N LYS B 67 15.16 -7.92 -41.02
CA LYS B 67 15.92 -6.95 -41.82
C LYS B 67 17.41 -7.13 -41.71
N THR B 68 18.12 -6.61 -42.70
CA THR B 68 19.58 -6.63 -42.71
C THR B 68 20.14 -5.34 -42.13
N LEU B 69 21.04 -5.46 -41.16
CA LEU B 69 21.67 -4.29 -40.58
C LEU B 69 22.66 -3.68 -41.56
N ARG B 70 22.48 -2.40 -41.86
CA ARG B 70 23.39 -1.68 -42.75
C ARG B 70 24.52 -0.97 -42.00
N SER B 71 24.18 -0.14 -41.01
CA SER B 71 25.18 0.45 -40.14
C SER B 71 24.70 0.57 -38.70
N ALA B 72 25.65 0.54 -37.77
CA ALA B 72 25.34 0.81 -36.36
C ALA B 72 26.38 1.74 -35.73
N GLU B 73 25.90 2.74 -35.01
CA GLU B 73 26.76 3.62 -34.20
C GLU B 73 26.24 3.62 -32.77
N ALA B 74 27.08 3.25 -31.82
CA ALA B 74 26.77 3.48 -30.42
C ALA B 74 27.18 4.91 -30.05
N VAL B 75 26.22 5.73 -29.63
CA VAL B 75 26.51 7.16 -29.46
C VAL B 75 27.14 7.43 -28.09
N SER B 76 27.02 6.49 -27.17
CA SER B 76 27.92 6.48 -26.03
C SER B 76 28.15 5.09 -25.49
N LEU B 77 28.92 5.02 -24.41
CA LEU B 77 29.09 3.80 -23.65
C LEU B 77 27.75 3.37 -23.08
N ALA B 78 27.62 2.07 -22.85
CA ALA B 78 26.45 1.52 -22.16
C ALA B 78 26.05 2.42 -21.01
N LEU B 79 24.75 2.51 -20.73
CA LEU B 79 24.31 3.09 -19.47
C LEU B 79 24.77 2.17 -18.35
N PRO B 80 25.33 2.76 -17.28
CA PRO B 80 26.10 1.97 -16.32
C PRO B 80 25.18 1.22 -15.35
N LEU B 81 24.89 -0.03 -15.66
CA LEU B 81 24.14 -0.86 -14.74
C LEU B 81 25.07 -1.93 -14.18
N SER B 82 24.82 -2.35 -12.95
CA SER B 82 25.59 -3.44 -12.36
C SER B 82 24.83 -4.09 -11.23
N GLY B 83 25.18 -5.34 -10.91
CA GLY B 83 24.47 -6.06 -9.86
C GLY B 83 22.96 -5.92 -10.01
N ILE B 84 22.29 -5.56 -8.93
CA ILE B 84 20.84 -5.60 -8.91
C ILE B 84 20.24 -4.77 -10.04
N THR B 85 20.91 -3.69 -10.43
CA THR B 85 20.37 -2.84 -11.47
C THR B 85 20.65 -3.38 -12.87
N LEU B 86 21.70 -4.20 -13.00
CA LEU B 86 21.86 -4.97 -14.21
C LEU B 86 20.71 -5.97 -14.38
N TYR B 87 20.36 -6.66 -13.31
CA TYR B 87 19.44 -7.78 -13.50
C TYR B 87 18.03 -7.22 -13.62
N SER B 88 17.82 -6.03 -13.09
CA SER B 88 16.56 -5.35 -13.27
C SER B 88 16.39 -4.94 -14.73
N GLY B 89 17.46 -4.40 -15.31
CA GLY B 89 17.49 -4.07 -16.72
C GLY B 89 17.18 -5.28 -17.57
N LEU B 90 17.82 -6.40 -17.26
CA LEU B 90 17.64 -7.60 -18.04
C LEU B 90 16.22 -8.13 -17.94
N TYR B 91 15.63 -7.99 -16.76
CA TYR B 91 14.23 -8.30 -16.55
C TYR B 91 13.32 -7.45 -17.44
N ILE B 92 13.58 -6.15 -17.48
CA ILE B 92 12.81 -5.27 -18.34
C ILE B 92 12.96 -5.67 -19.82
N ASN B 93 14.17 -6.00 -20.23
CA ASN B 93 14.37 -6.56 -21.54
C ASN B 93 13.55 -7.82 -21.86
N GLU B 94 13.49 -8.74 -20.90
CA GLU B 94 12.76 -9.99 -21.10
C GLU B 94 11.28 -9.67 -21.19
N LEU B 95 10.83 -8.86 -20.25
CA LEU B 95 9.43 -8.52 -20.17
C LEU B 95 8.90 -7.84 -21.43
N LEU B 96 9.73 -7.04 -22.09
CA LEU B 96 9.33 -6.40 -23.33
C LEU B 96 9.29 -7.43 -24.44
N SER B 97 10.31 -8.29 -24.43
CA SER B 97 10.48 -9.28 -25.47
C SER B 97 9.27 -10.20 -25.51
N ARG B 98 8.69 -10.44 -24.34
CA ARG B 98 7.58 -11.37 -24.24
C ARG B 98 6.31 -10.75 -24.81
N VAL B 99 6.27 -9.43 -24.86
CA VAL B 99 5.00 -8.71 -24.82
C VAL B 99 4.89 -7.59 -25.86
N LEU B 100 6.02 -7.21 -26.46
CA LEU B 100 6.06 -6.09 -27.40
C LEU B 100 5.82 -6.54 -28.87
N GLU B 101 4.76 -6.02 -29.51
CA GLU B 101 4.48 -6.29 -30.93
C GLU B 101 5.61 -5.83 -31.82
N TYR B 102 5.72 -6.45 -33.00
CA TYR B 102 6.74 -6.11 -33.97
C TYR B 102 6.31 -5.02 -34.95
N GLU B 103 7.22 -4.09 -35.25
CA GLU B 103 7.11 -3.23 -36.43
C GLU B 103 5.88 -2.32 -36.37
N THR B 104 5.50 -1.96 -35.16
CA THR B 104 4.58 -0.87 -34.95
C THR B 104 5.23 0.21 -34.07
N ARG B 105 5.27 1.43 -34.57
CA ARG B 105 5.87 2.54 -33.82
C ARG B 105 5.20 2.77 -32.47
N PHE B 106 6.00 2.73 -31.41
CA PHE B 106 5.51 2.98 -30.05
C PHE B 106 6.40 4.00 -29.34
N SER B 107 6.40 5.22 -29.86
CA SER B 107 7.36 6.24 -29.44
C SER B 107 7.32 6.50 -27.94
N GLU B 108 6.11 6.68 -27.40
CA GLU B 108 6.00 6.89 -25.97
C GLU B 108 6.68 5.77 -25.18
N LEU B 109 6.36 4.52 -25.51
CA LEU B 109 6.86 3.38 -24.75
C LEU B 109 8.38 3.35 -24.87
N PHE B 110 8.88 3.73 -26.03
CA PHE B 110 10.31 3.82 -26.23
C PHE B 110 10.93 4.79 -25.21
N PHE B 111 10.30 5.93 -25.00
CA PHE B 111 10.85 6.91 -24.06
C PHE B 111 10.61 6.51 -22.61
N ASP B 112 9.51 5.82 -22.37
CA ASP B 112 9.30 5.15 -21.10
C ASP B 112 10.42 4.16 -20.79
N TYR B 113 10.91 3.50 -21.83
CA TYR B 113 11.92 2.47 -21.64
C TYR B 113 13.27 3.13 -21.36
N LEU B 114 13.61 4.06 -22.24
CA LEU B 114 14.79 4.88 -22.06
C LEU B 114 14.83 5.48 -20.65
N HIS B 115 13.71 6.03 -20.20
CA HIS B 115 13.70 6.64 -18.87
C HIS B 115 13.92 5.58 -17.80
N CYS B 116 13.36 4.40 -18.01
CA CYS B 116 13.54 3.32 -17.05
C CYS B 116 15.02 2.93 -16.95
N ILE B 117 15.66 2.70 -18.10
CA ILE B 117 17.07 2.31 -18.07
C ILE B 117 17.94 3.42 -17.43
N GLN B 118 17.63 4.67 -17.75
CA GLN B 118 18.37 5.80 -17.20
C GLN B 118 18.21 5.94 -15.69
N SER B 119 16.97 5.80 -15.22
CA SER B 119 16.75 5.70 -13.79
C SER B 119 17.53 4.58 -13.11
N LEU B 120 17.47 3.37 -13.66
CA LEU B 120 18.24 2.27 -13.11
C LEU B 120 19.74 2.58 -13.05
N ALA B 121 20.25 3.34 -14.03
CA ALA B 121 21.68 3.64 -14.06
C ALA B 121 22.06 4.67 -12.99
N GLY B 122 21.08 5.46 -12.56
CA GLY B 122 21.32 6.57 -11.65
C GLY B 122 21.04 6.24 -10.19
N VAL B 123 20.61 5.00 -9.95
CA VAL B 123 19.97 4.65 -8.69
C VAL B 123 20.95 4.00 -7.71
N THR B 124 20.92 4.48 -6.46
CA THR B 124 21.71 3.89 -5.37
C THR B 124 20.83 3.10 -4.41
N GLY B 125 19.60 3.58 -4.20
CA GLY B 125 18.59 2.83 -3.46
C GLY B 125 17.94 1.72 -4.27
N THR B 126 16.63 1.59 -4.11
CA THR B 126 15.91 0.46 -4.72
C THR B 126 15.59 0.75 -6.19
N PRO B 127 15.84 -0.24 -7.06
CA PRO B 127 15.43 -0.17 -8.46
C PRO B 127 13.91 -0.24 -8.64
N GLU B 128 13.18 -0.60 -7.60
CA GLU B 128 11.80 -1.02 -7.76
C GLU B 128 10.84 0.07 -8.23
N PRO B 129 11.03 1.31 -7.76
CA PRO B 129 10.14 2.38 -8.20
C PRO B 129 10.23 2.55 -9.72
N ALA B 130 11.44 2.48 -10.26
CA ALA B 130 11.64 2.66 -11.68
C ALA B 130 11.00 1.51 -12.44
N LEU B 131 11.06 0.32 -11.85
CA LEU B 131 10.50 -0.88 -12.43
C LEU B 131 8.98 -0.81 -12.46
N ARG B 132 8.38 -0.56 -11.30
CA ARG B 132 6.94 -0.38 -11.17
C ARG B 132 6.42 0.66 -12.15
N ARG B 133 7.14 1.79 -12.24
CA ARG B 133 6.77 2.86 -13.15
C ARG B 133 6.76 2.38 -14.59
N PHE B 134 7.75 1.57 -14.98
CA PHE B 134 7.79 1.04 -16.33
C PHE B 134 6.72 -0.03 -16.57
N GLU B 135 6.53 -0.94 -15.62
CA GLU B 135 5.50 -1.95 -15.79
C GLU B 135 4.15 -1.30 -16.03
N LEU B 136 3.91 -0.17 -15.37
CA LEU B 136 2.61 0.47 -15.41
C LEU B 136 2.39 1.22 -16.72
N ALA B 137 3.45 1.84 -17.22
CA ALA B 137 3.43 2.40 -18.57
C ALA B 137 3.30 1.27 -19.58
N LEU B 138 4.04 0.19 -19.35
CA LEU B 138 3.93 -0.98 -20.23
C LEU B 138 2.48 -1.44 -20.36
N LEU B 139 1.82 -1.58 -19.22
CA LEU B 139 0.44 -2.04 -19.19
C LEU B 139 -0.52 -1.05 -19.86
N GLY B 140 -0.31 0.23 -19.64
CA GLY B 140 -1.03 1.25 -20.38
C GLY B 140 -0.95 1.00 -21.87
N HIS B 141 0.27 0.86 -22.37
CA HIS B 141 0.50 0.59 -23.78
C HIS B 141 -0.19 -0.70 -24.26
N LEU B 142 -0.20 -1.71 -23.40
CA LEU B 142 -0.75 -2.99 -23.81
C LEU B 142 -2.26 -2.92 -23.95
N GLY B 143 -2.83 -1.81 -23.49
CA GLY B 143 -4.27 -1.56 -23.64
C GLY B 143 -5.14 -2.02 -22.48
N TYR B 144 -4.55 -2.37 -21.34
CA TYR B 144 -5.30 -3.13 -20.35
C TYR B 144 -6.47 -2.39 -19.69
N GLY B 145 -6.43 -1.06 -19.73
CA GLY B 145 -7.64 -0.26 -19.53
C GLY B 145 -8.21 -0.30 -18.11
N VAL B 146 -7.33 -0.51 -17.14
CA VAL B 146 -7.73 -0.60 -15.74
C VAL B 146 -7.92 0.81 -15.18
N ASN B 147 -9.08 1.07 -14.59
CA ASN B 147 -9.30 2.33 -13.90
C ASN B 147 -9.00 2.26 -12.40
N PHE B 148 -8.12 3.15 -11.94
CA PHE B 148 -7.65 3.11 -10.56
C PHE B 148 -8.51 3.96 -9.64
N THR B 149 -9.20 4.95 -10.21
CA THR B 149 -9.80 6.02 -9.43
C THR B 149 -11.31 5.84 -9.24
N HIS B 150 -11.91 4.92 -10.00
CA HIS B 150 -13.33 4.63 -9.87
C HIS B 150 -13.56 3.13 -10.02
N CYS B 151 -14.41 2.57 -9.18
CA CYS B 151 -14.65 1.12 -9.23
C CYS B 151 -15.61 0.73 -10.34
N ALA B 152 -15.22 -0.29 -11.11
CA ALA B 152 -15.83 -0.57 -12.39
C ALA B 152 -17.22 -1.17 -12.21
N GLY B 153 -18.20 -0.61 -12.91
CA GLY B 153 -19.61 -0.93 -12.65
C GLY B 153 -20.33 0.26 -12.03
N SER B 154 -20.13 0.44 -10.73
CA SER B 154 -20.68 1.58 -10.02
C SER B 154 -20.21 2.91 -10.63
N GLY B 155 -18.91 2.99 -10.93
CA GLY B 155 -18.31 4.23 -11.42
C GLY B 155 -18.04 5.23 -10.29
N GLU B 156 -18.18 4.76 -9.06
CA GLU B 156 -18.03 5.59 -7.88
C GLU B 156 -16.55 5.83 -7.58
N PRO B 157 -16.18 7.10 -7.32
CA PRO B 157 -14.85 7.44 -6.82
C PRO B 157 -14.38 6.52 -5.70
N VAL B 158 -13.14 6.07 -5.83
CA VAL B 158 -12.52 5.15 -4.89
C VAL B 158 -12.13 5.91 -3.62
N ASP B 159 -12.35 5.29 -2.46
CA ASP B 159 -12.06 5.94 -1.18
C ASP B 159 -10.72 5.50 -0.60
N ASP B 160 -9.93 6.45 -0.12
CA ASP B 160 -8.58 6.16 0.37
C ASP B 160 -8.52 4.99 1.34
N THR B 161 -9.48 4.93 2.26
CA THR B 161 -9.41 3.97 3.36
C THR B 161 -10.21 2.71 3.11
N MET B 162 -10.97 2.68 2.01
CA MET B 162 -11.77 1.51 1.69
C MET B 162 -10.90 0.48 1.00
N THR B 163 -11.29 -0.79 1.08
CA THR B 163 -10.59 -1.84 0.36
C THR B 163 -11.33 -2.33 -0.89
N TYR B 164 -10.58 -2.64 -1.94
CA TYR B 164 -11.14 -3.15 -3.18
C TYR B 164 -10.40 -4.38 -3.67
N ARG B 165 -11.08 -5.24 -4.41
CA ARG B 165 -10.45 -6.41 -4.99
C ARG B 165 -10.20 -6.21 -6.47
N TYR B 166 -9.08 -6.73 -6.96
CA TYR B 166 -8.78 -6.67 -8.38
C TYR B 166 -9.46 -7.80 -9.14
N ARG B 167 -10.16 -7.46 -10.20
CA ARG B 167 -10.78 -8.47 -11.05
C ARG B 167 -10.03 -8.65 -12.37
N GLU B 168 -9.85 -9.91 -12.75
CA GLU B 168 -8.76 -10.34 -13.61
C GLU B 168 -8.64 -9.56 -14.93
N GLU B 169 -9.73 -8.91 -15.34
CA GLU B 169 -9.68 -7.91 -16.40
C GLU B 169 -10.79 -6.88 -16.21
N LYS B 170 -11.54 -7.02 -15.13
CA LYS B 170 -12.77 -6.26 -14.93
C LYS B 170 -12.59 -5.13 -13.90
N GLY B 171 -11.34 -4.93 -13.47
CA GLY B 171 -10.99 -3.76 -12.65
C GLY B 171 -11.19 -3.97 -11.15
N PHE B 172 -11.53 -2.89 -10.45
CA PHE B 172 -11.63 -2.92 -9.00
C PHE B 172 -13.06 -2.76 -8.52
N ILE B 173 -13.49 -3.64 -7.61
CA ILE B 173 -14.74 -3.44 -6.90
C ILE B 173 -14.54 -3.48 -5.38
N ALA B 174 -15.32 -2.66 -4.67
CA ALA B 174 -15.24 -2.61 -3.22
C ALA B 174 -15.54 -3.98 -2.64
N SER B 175 -14.79 -4.36 -1.62
CA SER B 175 -14.85 -5.71 -1.09
C SER B 175 -14.18 -5.76 0.28
N VAL B 176 -14.61 -6.70 1.11
CA VAL B 176 -14.05 -6.83 2.46
C VAL B 176 -13.21 -8.09 2.61
N VAL B 177 -13.09 -8.87 1.54
CA VAL B 177 -12.27 -10.07 1.61
C VAL B 177 -10.79 -9.74 1.48
N ILE B 178 -10.02 -10.10 2.51
CA ILE B 178 -8.62 -9.71 2.58
C ILE B 178 -7.73 -10.85 2.08
N ASP B 179 -7.16 -10.66 0.89
CA ASP B 179 -6.31 -11.68 0.28
C ASP B 179 -5.31 -11.07 -0.69
N ASN B 180 -4.78 -11.90 -1.58
CA ASN B 180 -3.70 -11.50 -2.47
C ASN B 180 -4.11 -10.37 -3.40
N LYS B 181 -5.42 -10.27 -3.65
CA LYS B 181 -5.94 -9.37 -4.66
C LYS B 181 -6.56 -8.12 -4.05
N THR B 182 -6.34 -7.92 -2.75
CA THR B 182 -6.91 -6.77 -2.04
C THR B 182 -6.00 -5.55 -2.14
N PHE B 183 -6.61 -4.38 -2.37
CA PHE B 183 -5.89 -3.12 -2.30
C PHE B 183 -6.74 -2.06 -1.60
N THR B 184 -6.07 -1.13 -0.93
CA THR B 184 -6.76 0.01 -0.36
C THR B 184 -6.87 1.08 -1.42
N GLY B 185 -7.84 1.97 -1.26
CA GLY B 185 -7.98 3.10 -2.16
C GLY B 185 -6.70 3.89 -2.28
N ARG B 186 -6.03 4.09 -1.15
CA ARG B 186 -4.74 4.79 -1.12
C ARG B 186 -3.74 4.15 -2.07
N GLN B 187 -3.64 2.82 -2.02
CA GLN B 187 -2.74 2.07 -2.89
C GLN B 187 -3.10 2.24 -4.37
N LEU B 188 -4.40 2.21 -4.67
CA LEU B 188 -4.85 2.46 -6.04
C LEU B 188 -4.46 3.84 -6.53
N LYS B 189 -4.57 4.84 -5.66
CA LYS B 189 -4.17 6.20 -6.01
C LYS B 189 -2.69 6.31 -6.37
N ALA B 190 -1.85 5.57 -5.65
CA ALA B 190 -0.41 5.50 -5.96
C ALA B 190 -0.17 4.84 -7.32
N LEU B 191 -0.85 3.73 -7.57
CA LEU B 191 -0.73 3.05 -8.85
C LEU B 191 -1.09 4.01 -9.97
N ASN B 192 -2.15 4.78 -9.75
CA ASN B 192 -2.60 5.74 -10.75
C ASN B 192 -1.56 6.84 -10.97
N ALA B 193 -1.04 7.40 -9.88
CA ALA B 193 -0.04 8.46 -9.96
C ALA B 193 1.32 7.91 -10.38
N ARG B 194 1.49 6.60 -10.22
CA ARG B 194 2.75 5.94 -10.53
C ARG B 194 3.86 6.52 -9.66
N GLU B 195 3.54 6.76 -8.40
CA GLU B 195 4.52 7.22 -7.43
C GLU B 195 4.25 6.66 -6.05
N PHE B 196 5.30 6.18 -5.40
CA PHE B 196 5.14 5.29 -4.26
C PHE B 196 5.95 5.79 -3.07
N PRO B 197 5.38 6.74 -2.32
CA PRO B 197 6.13 7.51 -1.33
C PRO B 197 6.51 6.69 -0.10
N ASP B 198 6.10 5.43 -0.05
CA ASP B 198 6.42 4.55 1.07
C ASP B 198 6.53 3.09 0.68
N ALA B 199 6.92 2.25 1.63
CA ALA B 199 7.14 0.83 1.34
C ALA B 199 5.82 0.12 1.13
N ASP B 200 4.77 0.68 1.72
CA ASP B 200 3.44 0.10 1.58
C ASP B 200 2.92 0.20 0.15
N THR B 201 2.98 1.39 -0.44
CA THR B 201 2.59 1.56 -1.83
C THR B 201 3.52 0.83 -2.81
N LEU B 202 4.83 0.93 -2.54
CA LEU B 202 5.81 0.17 -3.31
C LEU B 202 5.44 -1.31 -3.38
N ARG B 203 5.11 -1.87 -2.23
CA ARG B 203 4.84 -3.30 -2.14
C ARG B 203 3.52 -3.66 -2.79
N ALA B 204 2.51 -2.82 -2.61
CA ALA B 204 1.23 -2.97 -3.30
C ALA B 204 1.42 -2.94 -4.82
N ALA B 205 2.25 -2.00 -5.28
CA ALA B 205 2.48 -1.85 -6.70
C ALA B 205 2.99 -3.14 -7.30
N LYS B 206 3.81 -3.87 -6.56
CA LYS B 206 4.42 -5.07 -7.08
C LYS B 206 3.41 -6.22 -7.19
N ARG B 207 2.59 -6.41 -6.15
CA ARG B 207 1.49 -7.38 -6.20
C ARG B 207 0.66 -7.10 -7.45
N PHE B 208 0.21 -5.85 -7.58
CA PHE B 208 -0.74 -5.49 -8.61
C PHE B 208 -0.13 -5.80 -9.97
N THR B 209 1.08 -5.32 -10.14
CA THR B 209 1.78 -5.34 -11.42
C THR B 209 2.10 -6.78 -11.85
N ARG B 210 2.50 -7.61 -10.90
CA ARG B 210 2.62 -9.05 -11.14
C ARG B 210 1.30 -9.65 -11.64
N MET B 211 0.20 -9.37 -10.95
CA MET B 211 -1.11 -9.90 -11.36
C MET B 211 -1.47 -9.43 -12.75
N ALA B 212 -1.27 -8.15 -13.00
CA ALA B 212 -1.87 -7.49 -14.14
C ALA B 212 -1.16 -7.92 -15.41
N LEU B 213 0.08 -8.37 -15.26
CA LEU B 213 0.92 -8.71 -16.39
C LEU B 213 0.76 -10.17 -16.81
N LYS B 214 0.29 -11.01 -15.90
CA LYS B 214 0.24 -12.45 -16.12
C LYS B 214 -0.54 -12.85 -17.38
N PRO B 215 -1.74 -12.30 -17.57
CA PRO B 215 -2.45 -12.56 -18.83
C PRO B 215 -1.54 -12.39 -20.05
N TYR B 216 -0.59 -11.46 -19.97
CA TYR B 216 0.20 -11.08 -21.13
C TYR B 216 1.47 -11.91 -21.25
N LEU B 217 1.81 -12.62 -20.17
CA LEU B 217 3.03 -13.40 -20.14
C LEU B 217 2.72 -14.86 -20.40
N GLY B 218 1.78 -15.40 -19.62
CA GLY B 218 1.02 -16.57 -20.03
C GLY B 218 1.68 -17.88 -19.63
N GLY B 219 1.90 -18.07 -18.34
CA GLY B 219 2.26 -19.38 -17.81
C GLY B 219 3.75 -19.62 -17.76
N LYS B 220 4.43 -19.35 -18.87
CA LYS B 220 5.89 -19.45 -18.89
C LYS B 220 6.49 -18.45 -17.90
N PRO B 221 7.38 -18.94 -17.03
CA PRO B 221 8.05 -18.10 -16.04
C PRO B 221 9.02 -17.13 -16.72
N LEU B 222 9.23 -15.98 -16.09
CA LEU B 222 10.35 -15.11 -16.42
C LEU B 222 11.69 -15.71 -16.03
N LYS B 223 12.54 -15.96 -17.02
CA LYS B 223 13.86 -16.53 -16.76
C LYS B 223 14.77 -15.55 -16.02
N SER B 224 14.47 -14.26 -16.07
CA SER B 224 15.32 -13.28 -15.43
C SER B 224 15.15 -13.31 -13.91
N ARG B 225 14.10 -13.98 -13.44
CA ARG B 225 13.98 -14.29 -12.01
C ARG B 225 15.16 -15.12 -11.52
N GLU B 226 15.71 -15.95 -12.38
CA GLU B 226 16.82 -16.81 -11.98
C GLU B 226 18.14 -16.05 -11.88
N LEU B 227 18.27 -14.96 -12.62
CA LEU B 227 19.41 -14.07 -12.41
C LEU B 227 19.47 -13.63 -10.97
N PHE B 228 18.34 -13.21 -10.42
CA PHE B 228 18.33 -12.74 -9.06
C PHE B 228 18.60 -13.87 -8.09
N ARG B 229 17.97 -15.02 -8.31
CA ARG B 229 18.15 -16.14 -7.38
C ARG B 229 19.62 -16.55 -7.33
N GLN B 230 20.26 -16.51 -8.49
CA GLN B 230 21.59 -17.07 -8.64
C GLN B 230 22.66 -16.07 -8.18
N PHE B 231 22.34 -14.78 -8.23
CA PHE B 231 23.38 -13.75 -8.14
C PHE B 231 23.20 -12.85 -6.93
N MET B 232 22.02 -12.92 -6.33
CA MET B 232 21.69 -12.15 -5.13
C MET B 232 21.92 -13.01 -3.90
N PRO B 233 22.33 -12.38 -2.79
CA PRO B 233 22.17 -12.94 -1.44
C PRO B 233 20.84 -13.66 -1.25
N ILE C 8 5.28 -7.22 16.71
CA ILE C 8 5.85 -6.83 15.38
C ILE C 8 4.87 -6.08 14.46
N PRO C 9 3.57 -6.05 14.83
CA PRO C 9 2.63 -5.26 14.03
C PRO C 9 2.02 -4.12 14.83
N PHE C 10 0.94 -4.43 15.53
CA PHE C 10 -0.15 -3.48 15.65
C PHE C 10 -0.10 -2.72 16.96
N ILE D 8 11.96 -11.02 -2.21
CA ILE D 8 11.86 -9.60 -2.65
C ILE D 8 13.00 -9.19 -3.60
N PRO D 9 12.82 -9.45 -4.90
CA PRO D 9 13.78 -9.06 -5.92
C PRO D 9 13.30 -7.79 -6.60
N PHE D 10 12.17 -7.88 -7.29
CA PHE D 10 12.12 -8.43 -8.63
C PHE D 10 11.30 -7.47 -9.48
#